data_5E1C
#
_entry.id   5E1C
#
_cell.length_a   56.383
_cell.length_b   82.041
_cell.length_c   58.534
_cell.angle_alpha   90.000
_cell.angle_beta   110.810
_cell.angle_gamma   90.000
#
_symmetry.space_group_name_H-M   'P 1 21 1'
#
loop_
_entity.id
_entity.type
_entity.pdbx_description
1 polymer 'Estrogen receptor'
2 polymer 'Nuclear receptor coactivator 2'
3 non-polymer 'dimethyl {(1S)-3-[bis(4-hydroxyphenyl)methylidene]cyclohexyl}propanedioate'
4 water water
#
loop_
_entity_poly.entity_id
_entity_poly.type
_entity_poly.pdbx_seq_one_letter_code
_entity_poly.pdbx_strand_id
1 'polypeptide(L)'
;IKRSKKNSLALSLTADQMVSALLDAEPPILYSEYDPTRPFSEASMMGLLTNLADRELVHMINWAKRVPGFVDLTLHDQVH
LLECAWLEILMIGLVWRSMEHPGKLLFAPNLLLDRNQGKCVEGMVEIFDMLLATSSRFRMMNLQGEEFVCLKSIILLNSG
VYTFLSSTLKSLEEKDHIHRVLDKITDTLIHLMAKAGLTLQQQHQRLAQLLLILSHIRHMSNKGMEHLYSMKCKNVVPLS
DLLLEMLDAHRLHAPTS
;
A,B
2 'polypeptide(L)' KHKILHRLLQDSSS C,D
#
loop_
_chem_comp.id
_chem_comp.type
_chem_comp.name
_chem_comp.formula
5K8 non-polymer 'dimethyl {(1S)-3-[bis(4-hydroxyphenyl)methylidene]cyclohexyl}propanedioate' 'C24 H26 O6'
#
# COMPACT_ATOMS: atom_id res chain seq x y z
N ASN A 7 25.98 16.65 -1.03
CA ASN A 7 25.86 15.60 -2.03
C ASN A 7 25.98 14.21 -1.43
N SER A 8 25.14 13.29 -1.89
CA SER A 8 25.10 11.92 -1.38
C SER A 8 25.80 10.93 -2.31
N LEU A 9 26.65 10.08 -1.77
CA LEU A 9 27.42 9.14 -2.59
C LEU A 9 26.57 8.01 -3.16
N ALA A 10 25.34 7.90 -2.68
CA ALA A 10 24.42 6.86 -3.15
C ALA A 10 24.09 7.02 -4.63
N LEU A 11 24.03 8.26 -5.09
CA LEU A 11 23.63 8.54 -6.46
C LEU A 11 24.76 8.31 -7.45
N SER A 12 25.99 8.25 -6.94
CA SER A 12 27.16 8.04 -7.78
C SER A 12 27.45 6.55 -8.01
N LEU A 13 26.77 5.69 -7.26
CA LEU A 13 26.94 4.24 -7.39
C LEU A 13 26.39 3.74 -8.72
N THR A 14 27.04 2.73 -9.30
CA THR A 14 26.49 2.06 -10.46
C THR A 14 25.47 1.02 -10.00
N ALA A 15 24.72 0.45 -10.94
CA ALA A 15 23.67 -0.50 -10.60
C ALA A 15 24.24 -1.73 -9.88
N ASP A 16 25.39 -2.19 -10.35
CA ASP A 16 26.07 -3.34 -9.74
C ASP A 16 26.55 -3.02 -8.35
N GLN A 17 27.08 -1.81 -8.19
CA GLN A 17 27.55 -1.34 -6.90
C GLN A 17 26.39 -1.24 -5.91
N MET A 18 25.22 -0.83 -6.41
CA MET A 18 24.02 -0.76 -5.60
C MET A 18 23.57 -2.14 -5.13
N VAL A 19 23.54 -3.09 -6.06
CA VAL A 19 23.15 -4.46 -5.77
C VAL A 19 24.07 -5.12 -4.74
N SER A 20 25.38 -5.03 -4.96
CA SER A 20 26.35 -5.63 -4.06
C SER A 20 26.27 -5.00 -2.67
N ALA A 21 26.10 -3.68 -2.63
CA ALA A 21 25.95 -2.99 -1.36
C ALA A 21 24.73 -3.48 -0.58
N LEU A 22 23.61 -3.69 -1.27
CA LEU A 22 22.38 -4.15 -0.63
C LEU A 22 22.49 -5.61 -0.19
N LEU A 23 23.06 -6.45 -1.04
CA LEU A 23 23.27 -7.85 -0.70
C LEU A 23 24.16 -7.99 0.55
N ASP A 24 25.22 -7.19 0.61
CA ASP A 24 26.15 -7.26 1.74
C ASP A 24 25.50 -6.80 3.04
N ALA A 25 24.51 -5.90 2.92
CA ALA A 25 23.86 -5.32 4.09
C ALA A 25 22.80 -6.25 4.68
N GLU A 26 22.53 -7.36 3.98
CA GLU A 26 21.44 -8.25 4.37
C GLU A 26 21.58 -8.72 5.81
N PRO A 27 20.49 -8.64 6.57
CA PRO A 27 20.52 -9.10 7.96
C PRO A 27 20.61 -10.62 8.03
N PRO A 28 21.09 -11.16 9.16
CA PRO A 28 21.13 -12.61 9.31
C PRO A 28 19.77 -13.22 9.52
N ILE A 29 19.63 -14.51 9.22
CA ILE A 29 18.41 -15.24 9.50
C ILE A 29 18.48 -15.78 10.93
N LEU A 30 17.60 -15.30 11.80
CA LEU A 30 17.66 -15.67 13.21
C LEU A 30 16.82 -16.91 13.50
N TYR A 31 17.14 -17.58 14.60
CA TYR A 31 16.37 -18.73 15.03
C TYR A 31 15.36 -18.36 16.12
N SER A 32 14.31 -19.17 16.24
CA SER A 32 13.39 -19.05 17.36
C SER A 32 13.91 -19.85 18.54
N GLU A 33 13.25 -19.72 19.68
CA GLU A 33 13.55 -20.51 20.87
C GLU A 33 13.36 -21.99 20.55
N TYR A 34 14.28 -22.82 20.99
CA TYR A 34 14.35 -24.22 20.54
C TYR A 34 13.48 -25.19 21.34
N ASP A 35 12.61 -24.67 22.21
CA ASP A 35 11.75 -25.51 23.02
C ASP A 35 10.77 -26.32 22.16
N THR A 37 8.01 -28.18 22.11
CA THR A 37 6.74 -28.70 22.61
C THR A 37 5.57 -28.18 21.77
N ARG A 38 4.78 -29.12 21.23
CA ARG A 38 3.63 -28.76 20.40
C ARG A 38 2.35 -29.36 20.95
N PRO A 39 1.19 -28.75 20.64
CA PRO A 39 1.02 -27.52 19.86
C PRO A 39 1.27 -26.24 20.68
N PHE A 40 1.28 -25.11 20.00
CA PHE A 40 1.39 -23.82 20.67
C PHE A 40 0.04 -23.40 21.25
N SER A 41 0.08 -22.53 22.25
CA SER A 41 -1.11 -21.84 22.73
C SER A 41 -1.08 -20.46 22.11
N GLU A 42 -2.03 -19.62 22.44
CA GLU A 42 -2.01 -18.25 21.95
C GLU A 42 -0.86 -17.48 22.61
N ALA A 43 -0.62 -17.76 23.89
CA ALA A 43 0.42 -17.07 24.63
C ALA A 43 1.82 -17.48 24.17
N SER A 44 2.02 -18.79 23.93
CA SER A 44 3.33 -19.28 23.51
C SER A 44 3.61 -18.90 22.06
N MET A 45 2.57 -18.91 21.24
CA MET A 45 2.71 -18.51 19.83
C MET A 45 3.16 -17.07 19.71
N MET A 46 2.41 -16.18 20.34
CA MET A 46 2.71 -14.75 20.32
C MET A 46 4.02 -14.45 21.02
N GLY A 47 4.32 -15.24 22.05
CA GLY A 47 5.60 -15.15 22.73
C GLY A 47 6.75 -15.32 21.76
N LEU A 48 6.74 -16.43 21.03
CA LEU A 48 7.82 -16.74 20.08
C LEU A 48 7.96 -15.70 18.97
N LEU A 49 6.83 -15.31 18.37
CA LEU A 49 6.88 -14.34 17.29
C LEU A 49 7.36 -12.97 17.78
N THR A 50 6.92 -12.57 18.95
CA THR A 50 7.29 -11.27 19.51
C THR A 50 8.78 -11.21 19.87
N ASN A 51 9.25 -12.23 20.57
CA ASN A 51 10.67 -12.36 20.90
C ASN A 51 11.53 -12.30 19.64
N LEU A 52 11.11 -13.02 18.60
CA LEU A 52 11.85 -13.12 17.36
C LEU A 52 11.87 -11.80 16.60
N ALA A 53 10.72 -11.16 16.47
CA ALA A 53 10.61 -9.88 15.76
C ALA A 53 11.48 -8.83 16.44
N ASP A 54 11.54 -8.92 17.77
CA ASP A 54 12.29 -7.97 18.57
C ASP A 54 13.79 -8.05 18.30
N ARG A 55 14.29 -9.28 18.21
CA ARG A 55 15.70 -9.48 17.91
C ARG A 55 16.01 -9.09 16.46
N GLU A 56 15.09 -9.40 15.55
CA GLU A 56 15.21 -8.99 14.16
C GLU A 56 15.28 -7.49 13.98
N LEU A 57 14.57 -6.76 14.84
CA LEU A 57 14.53 -5.31 14.76
C LEU A 57 15.90 -4.69 14.95
N VAL A 58 16.67 -5.23 15.89
CA VAL A 58 18.01 -4.72 16.15
C VAL A 58 18.87 -4.84 14.89
N HIS A 59 18.76 -5.98 14.20
CA HIS A 59 19.51 -6.19 12.96
C HIS A 59 18.98 -5.33 11.80
N MET A 60 17.69 -5.04 11.82
CA MET A 60 17.08 -4.20 10.79
C MET A 60 17.69 -2.79 10.80
N ILE A 61 17.92 -2.26 11.99
CA ILE A 61 18.52 -0.94 12.12
C ILE A 61 19.93 -0.90 11.51
N ASN A 62 20.73 -1.92 11.79
CA ASN A 62 22.04 -2.07 11.17
C ASN A 62 21.97 -2.12 9.65
N TRP A 63 20.99 -2.87 9.16
CA TRP A 63 20.76 -2.99 7.73
C TRP A 63 20.35 -1.64 7.13
N ALA A 64 19.45 -0.95 7.83
CA ALA A 64 18.93 0.33 7.36
C ALA A 64 20.06 1.36 7.19
N LYS A 65 21.01 1.36 8.11
CA LYS A 65 22.13 2.30 8.06
C LYS A 65 23.05 2.01 6.88
N ARG A 66 22.95 0.80 6.35
CA ARG A 66 23.80 0.41 5.23
C ARG A 66 23.09 0.51 3.88
N VAL A 67 21.80 0.83 3.90
CA VAL A 67 21.07 1.11 2.67
C VAL A 67 21.50 2.47 2.12
N PRO A 68 22.03 2.49 0.88
CA PRO A 68 22.53 3.74 0.29
C PRO A 68 21.51 4.87 0.36
N GLY A 69 21.94 6.03 0.86
CA GLY A 69 21.06 7.18 1.01
C GLY A 69 20.52 7.39 2.40
N PHE A 70 20.35 6.30 3.15
CA PHE A 70 19.75 6.34 4.48
C PHE A 70 20.61 7.11 5.49
N VAL A 71 21.93 6.94 5.38
CA VAL A 71 22.86 7.61 6.27
C VAL A 71 22.86 9.13 6.06
N ASP A 72 22.39 9.56 4.89
CA ASP A 72 22.39 10.98 4.56
C ASP A 72 21.24 11.75 5.21
N LEU A 73 20.27 11.01 5.75
CA LEU A 73 19.12 11.63 6.41
C LEU A 73 19.44 12.03 7.84
N THR A 74 18.69 13.00 8.37
CA THR A 74 18.80 13.34 9.79
C THR A 74 18.34 12.15 10.63
N LEU A 75 18.73 12.16 11.90
CA LEU A 75 18.32 11.13 12.84
C LEU A 75 16.80 11.05 12.92
N HIS A 76 16.15 12.20 13.00
CA HIS A 76 14.69 12.29 13.07
C HIS A 76 14.02 11.63 11.87
N ASP A 77 14.57 11.84 10.68
CA ASP A 77 14.00 11.26 9.47
C ASP A 77 14.26 9.77 9.40
N GLN A 78 15.42 9.34 9.91
CA GLN A 78 15.73 7.92 9.95
C GLN A 78 14.76 7.20 10.90
N VAL A 79 14.51 7.81 12.05
CA VAL A 79 13.57 7.27 13.03
C VAL A 79 12.16 7.15 12.45
N HIS A 80 11.69 8.21 11.79
CA HIS A 80 10.37 8.22 11.21
C HIS A 80 10.17 7.08 10.21
N LEU A 81 11.14 6.91 9.30
CA LEU A 81 11.04 5.89 8.26
C LEU A 81 10.97 4.48 8.84
N LEU A 82 11.81 4.20 9.83
CA LEU A 82 11.81 2.89 10.44
C LEU A 82 10.53 2.66 11.24
N GLU A 83 10.08 3.69 11.95
CA GLU A 83 8.82 3.60 12.66
C GLU A 83 7.66 3.30 11.71
N CYS A 84 7.71 3.87 10.52
CA CYS A 84 6.65 3.66 9.54
C CYS A 84 6.72 2.29 8.90
N ALA A 85 7.94 1.81 8.68
CA ALA A 85 8.14 0.68 7.77
C ALA A 85 8.49 -0.65 8.42
N TRP A 86 8.75 -0.69 9.73
CA TRP A 86 9.39 -1.87 10.32
C TRP A 86 8.61 -3.19 10.16
N LEU A 87 7.29 -3.15 10.29
CA LEU A 87 6.52 -4.39 10.16
C LEU A 87 6.42 -4.80 8.67
N GLU A 88 6.28 -3.83 7.77
CA GLU A 88 6.38 -4.12 6.34
C GLU A 88 7.69 -4.83 6.01
N ILE A 89 8.78 -4.34 6.60
CA ILE A 89 10.10 -4.89 6.32
C ILE A 89 10.24 -6.30 6.89
N LEU A 90 9.74 -6.51 8.11
CA LEU A 90 9.73 -7.85 8.69
C LEU A 90 8.89 -8.81 7.86
N MET A 91 7.76 -8.31 7.36
CA MET A 91 6.84 -9.15 6.61
C MET A 91 7.38 -9.56 5.24
N ILE A 92 8.01 -8.62 4.53
CA ILE A 92 8.52 -8.97 3.21
C ILE A 92 9.72 -9.89 3.38
N GLY A 93 10.43 -9.78 4.50
CA GLY A 93 11.51 -10.71 4.81
C GLY A 93 10.96 -12.10 5.09
N LEU A 94 9.89 -12.18 5.87
CA LEU A 94 9.21 -13.44 6.16
C LEU A 94 8.69 -14.13 4.90
N VAL A 95 8.04 -13.33 4.05
CA VAL A 95 7.49 -13.81 2.80
C VAL A 95 8.60 -14.33 1.88
N TRP A 96 9.71 -13.60 1.81
CA TRP A 96 10.87 -14.03 1.03
C TRP A 96 11.42 -15.36 1.53
N ARG A 97 11.58 -15.50 2.84
CA ARG A 97 12.11 -16.74 3.43
C ARG A 97 11.22 -17.95 3.17
N SER A 98 9.93 -17.68 2.99
CA SER A 98 8.92 -18.73 2.86
C SER A 98 8.70 -19.19 1.44
N MET A 99 9.30 -18.49 0.48
CA MET A 99 9.07 -18.76 -0.95
C MET A 99 9.21 -20.22 -1.32
N GLU A 100 10.29 -20.83 -0.87
CA GLU A 100 10.59 -22.22 -1.22
C GLU A 100 9.81 -23.21 -0.36
N HIS A 101 8.93 -22.69 0.49
CA HIS A 101 8.10 -23.55 1.32
C HIS A 101 6.61 -23.24 1.13
N PRO A 102 6.04 -23.68 0.00
CA PRO A 102 4.63 -23.43 -0.33
C PRO A 102 3.68 -23.89 0.77
N GLY A 103 2.74 -23.03 1.15
CA GLY A 103 1.77 -23.36 2.17
C GLY A 103 2.30 -23.15 3.57
N LYS A 104 3.55 -22.73 3.67
CA LYS A 104 4.20 -22.59 4.96
C LYS A 104 4.80 -21.19 5.15
N LEU A 105 4.82 -20.74 6.39
CA LEU A 105 5.50 -19.50 6.73
C LEU A 105 6.77 -19.83 7.52
N LEU A 106 7.93 -19.55 6.93
CA LEU A 106 9.19 -19.82 7.60
C LEU A 106 9.61 -18.62 8.44
N PHE A 107 9.10 -18.54 9.66
CA PHE A 107 9.46 -17.46 10.57
C PHE A 107 10.94 -17.58 10.95
N ALA A 108 11.37 -18.82 11.12
CA ALA A 108 12.78 -19.12 11.38
C ALA A 108 13.02 -20.51 10.83
N PRO A 109 14.29 -20.91 10.66
CA PRO A 109 14.54 -22.29 10.23
C PRO A 109 13.91 -23.33 11.15
N ASN A 110 13.77 -23.02 12.43
CA ASN A 110 13.18 -23.95 13.39
C ASN A 110 11.78 -23.52 13.80
N LEU A 111 11.18 -22.64 13.01
CA LEU A 111 9.79 -22.22 13.25
C LEU A 111 9.06 -22.05 11.92
N LEU A 112 8.58 -23.17 11.38
CA LEU A 112 7.88 -23.20 10.10
C LEU A 112 6.40 -23.49 10.34
N LEU A 113 5.54 -22.52 10.09
CA LEU A 113 4.13 -22.66 10.44
C LEU A 113 3.22 -22.72 9.21
N ASP A 114 2.10 -23.43 9.35
CA ASP A 114 1.05 -23.36 8.32
C ASP A 114 -0.17 -22.61 8.85
N ARG A 115 -1.20 -22.49 8.02
CA ARG A 115 -2.37 -21.69 8.39
C ARG A 115 -3.15 -22.28 9.55
N ASN A 116 -3.03 -23.59 9.76
CA ASN A 116 -3.75 -24.27 10.83
C ASN A 116 -3.30 -23.85 12.22
N GLN A 117 -2.01 -23.56 12.35
CA GLN A 117 -1.43 -23.19 13.63
C GLN A 117 -1.72 -21.73 13.99
N GLY A 118 -2.44 -21.03 13.11
CA GLY A 118 -2.81 -19.67 13.37
C GLY A 118 -4.12 -19.51 14.13
N LYS A 119 -4.91 -20.57 14.18
CA LYS A 119 -6.27 -20.50 14.71
C LYS A 119 -6.35 -20.14 16.20
N CYS A 120 -5.29 -20.40 16.95
CA CYS A 120 -5.30 -20.12 18.38
C CYS A 120 -5.22 -18.62 18.67
N VAL A 121 -4.88 -17.83 17.65
CA VAL A 121 -4.83 -16.37 17.78
C VAL A 121 -5.83 -15.72 16.85
N GLU A 122 -6.63 -14.81 17.38
CA GLU A 122 -7.68 -14.14 16.62
C GLU A 122 -7.11 -13.31 15.47
N GLY A 123 -7.61 -13.56 14.27
CA GLY A 123 -7.20 -12.80 13.08
C GLY A 123 -5.88 -13.27 12.49
N MET A 124 -5.24 -14.24 13.13
CA MET A 124 -3.94 -14.71 12.62
C MET A 124 -4.11 -15.48 11.31
N VAL A 125 -5.12 -16.34 11.25
CA VAL A 125 -5.37 -17.11 10.03
C VAL A 125 -5.55 -16.17 8.83
N GLU A 126 -6.26 -15.08 9.05
CA GLU A 126 -6.53 -14.11 8.00
C GLU A 126 -5.24 -13.50 7.47
N ILE A 127 -4.35 -13.08 8.37
CA ILE A 127 -3.10 -12.46 7.92
C ILE A 127 -2.13 -13.52 7.39
N PHE A 128 -2.11 -14.68 8.03
CA PHE A 128 -1.33 -15.81 7.53
C PHE A 128 -1.66 -16.09 6.07
N ASP A 129 -2.95 -16.10 5.73
CA ASP A 129 -3.37 -16.34 4.36
C ASP A 129 -2.86 -15.25 3.41
N MET A 130 -2.87 -14.01 3.88
CA MET A 130 -2.38 -12.90 3.08
C MET A 130 -0.88 -13.02 2.82
N LEU A 131 -0.15 -13.42 3.85
CA LEU A 131 1.29 -13.62 3.75
C LEU A 131 1.60 -14.79 2.82
N LEU A 132 0.87 -15.89 2.97
CA LEU A 132 1.05 -17.05 2.10
C LEU A 132 0.75 -16.72 0.63
N ALA A 133 -0.30 -15.94 0.40
CA ALA A 133 -0.63 -15.49 -0.96
C ALA A 133 0.52 -14.69 -1.56
N THR A 134 1.15 -13.87 -0.72
CA THR A 134 2.26 -13.04 -1.18
C THR A 134 3.49 -13.88 -1.51
N SER A 135 3.77 -14.88 -0.68
CA SER A 135 4.91 -15.76 -0.92
C SER A 135 4.72 -16.51 -2.23
N SER A 136 3.52 -17.05 -2.42
CA SER A 136 3.20 -17.81 -3.62
C SER A 136 3.33 -16.94 -4.86
N ARG A 137 2.96 -15.67 -4.73
CA ARG A 137 3.09 -14.72 -5.81
C ARG A 137 4.55 -14.51 -6.17
N PHE A 138 5.38 -14.29 -5.16
CA PHE A 138 6.82 -14.15 -5.37
C PHE A 138 7.41 -15.41 -6.00
N ARG A 139 6.90 -16.57 -5.60
CA ARG A 139 7.43 -17.83 -6.09
C ARG A 139 7.08 -18.03 -7.56
N MET A 140 5.82 -17.76 -7.92
CA MET A 140 5.39 -17.91 -9.29
C MET A 140 6.01 -16.86 -10.21
N MET A 141 6.40 -15.72 -9.64
CA MET A 141 7.13 -14.69 -10.37
C MET A 141 8.62 -14.98 -10.48
N ASN A 142 9.08 -16.00 -9.75
CA ASN A 142 10.50 -16.34 -9.67
C ASN A 142 11.34 -15.14 -9.23
N LEU A 143 10.94 -14.50 -8.15
CA LEU A 143 11.64 -13.35 -7.60
C LEU A 143 13.07 -13.70 -7.23
N GLN A 144 14.02 -12.88 -7.65
CA GLN A 144 15.42 -13.12 -7.35
C GLN A 144 15.83 -12.30 -6.15
N GLY A 145 16.85 -12.77 -5.43
CA GLY A 145 17.33 -12.10 -4.23
C GLY A 145 17.76 -10.66 -4.49
N GLU A 146 18.34 -10.42 -5.67
CA GLU A 146 18.74 -9.08 -6.06
C GLU A 146 17.53 -8.15 -6.17
N GLU A 147 16.42 -8.69 -6.67
CA GLU A 147 15.17 -7.92 -6.79
C GLU A 147 14.56 -7.68 -5.40
N PHE A 148 14.56 -8.73 -4.59
CA PHE A 148 14.09 -8.66 -3.21
C PHE A 148 14.75 -7.55 -2.38
N VAL A 149 16.08 -7.44 -2.44
CA VAL A 149 16.74 -6.44 -1.60
C VAL A 149 16.42 -5.03 -2.10
N CYS A 150 16.18 -4.90 -3.40
CA CYS A 150 15.73 -3.63 -3.94
C CYS A 150 14.34 -3.27 -3.40
N LEU A 151 13.42 -4.24 -3.41
CA LEU A 151 12.06 -4.00 -2.93
C LEU A 151 12.04 -3.64 -1.45
N LYS A 152 12.87 -4.32 -0.67
CA LYS A 152 12.89 -4.08 0.76
C LYS A 152 13.40 -2.67 1.04
N SER A 153 14.43 -2.24 0.32
CA SER A 153 14.97 -0.89 0.48
CA SER A 153 14.96 -0.89 0.50
C SER A 153 13.95 0.17 0.07
N ILE A 154 13.20 -0.12 -0.98
CA ILE A 154 12.14 0.78 -1.44
C ILE A 154 11.10 1.00 -0.34
N ILE A 155 10.71 -0.08 0.32
CA ILE A 155 9.75 0.01 1.43
C ILE A 155 10.26 0.95 2.53
N LEU A 156 11.52 0.77 2.92
CA LEU A 156 12.14 1.58 3.96
C LEU A 156 12.06 3.06 3.61
N LEU A 157 12.43 3.39 2.37
CA LEU A 157 12.55 4.77 1.96
C LEU A 157 11.21 5.40 1.57
N ASN A 158 10.28 4.59 1.09
CA ASN A 158 9.02 5.11 0.58
C ASN A 158 7.92 5.24 1.61
N SER A 159 7.82 4.28 2.53
CA SER A 159 6.59 4.15 3.32
C SER A 159 6.29 5.35 4.23
N GLY A 160 7.32 6.06 4.65
CA GLY A 160 7.12 7.20 5.52
C GLY A 160 7.36 8.54 4.83
N VAL A 161 7.73 8.52 3.56
CA VAL A 161 8.20 9.72 2.87
C VAL A 161 7.11 10.80 2.70
N TYR A 162 5.84 10.41 2.68
CA TYR A 162 4.78 11.40 2.54
C TYR A 162 4.06 11.67 3.85
N THR A 163 4.74 11.37 4.95
CA THR A 163 4.26 11.72 6.28
C THR A 163 5.30 12.60 6.96
N PHE A 164 6.16 13.22 6.16
CA PHE A 164 7.16 14.15 6.66
C PHE A 164 6.51 15.47 7.06
N GLU A 173 14.01 19.25 0.07
CA GLU A 173 15.40 18.94 -0.23
C GLU A 173 15.79 17.58 0.34
N GLU A 174 15.08 17.14 1.37
CA GLU A 174 15.33 15.84 1.99
C GLU A 174 14.35 14.81 1.46
N LYS A 175 13.16 15.28 1.07
CA LYS A 175 12.20 14.43 0.39
C LYS A 175 12.68 14.23 -1.04
N ASP A 176 13.31 15.27 -1.59
CA ASP A 176 13.85 15.21 -2.94
C ASP A 176 15.01 14.20 -3.00
N HIS A 177 15.82 14.18 -1.94
CA HIS A 177 16.89 13.20 -1.81
C HIS A 177 16.36 11.77 -1.80
N ILE A 178 15.37 11.52 -0.94
CA ILE A 178 14.78 10.20 -0.84
C ILE A 178 14.22 9.74 -2.19
N HIS A 179 13.53 10.65 -2.87
CA HIS A 179 12.97 10.34 -4.18
C HIS A 179 14.04 10.08 -5.24
N ARG A 180 15.15 10.80 -5.16
CA ARG A 180 16.25 10.58 -6.09
C ARG A 180 16.91 9.22 -5.82
N VAL A 181 16.97 8.81 -4.56
CA VAL A 181 17.53 7.51 -4.21
C VAL A 181 16.55 6.43 -4.64
N LEU A 182 15.26 6.69 -4.47
CA LEU A 182 14.22 5.77 -4.92
C LEU A 182 14.32 5.58 -6.44
N ASP A 183 14.60 6.65 -7.16
CA ASP A 183 14.80 6.57 -8.60
C ASP A 183 15.99 5.69 -8.95
N LYS A 184 17.06 5.84 -8.17
CA LYS A 184 18.26 5.00 -8.33
C LYS A 184 17.92 3.52 -8.20
N ILE A 185 17.12 3.20 -7.19
CA ILE A 185 16.76 1.81 -6.95
C ILE A 185 15.88 1.27 -8.08
N THR A 186 15.01 2.12 -8.62
CA THR A 186 14.24 1.74 -9.81
C THR A 186 15.16 1.40 -11.00
N ASP A 187 16.12 2.29 -11.25
CA ASP A 187 17.13 2.06 -12.29
C ASP A 187 17.78 0.70 -12.12
N THR A 188 18.07 0.36 -10.86
CA THR A 188 18.77 -0.86 -10.52
C THR A 188 17.90 -2.10 -10.81
N LEU A 189 16.64 -2.04 -10.41
CA LEU A 189 15.68 -3.11 -10.70
C LEU A 189 15.58 -3.38 -12.19
N ILE A 190 15.36 -2.33 -12.97
CA ILE A 190 15.33 -2.43 -14.43
C ILE A 190 16.64 -3.03 -14.96
N HIS A 191 17.76 -2.58 -14.44
CA HIS A 191 19.07 -3.11 -14.85
C HIS A 191 19.18 -4.61 -14.60
N LEU A 192 18.65 -5.07 -13.47
CA LEU A 192 18.64 -6.49 -13.14
C LEU A 192 17.79 -7.30 -14.11
N MET A 193 16.61 -6.79 -14.46
CA MET A 193 15.70 -7.48 -15.36
C MET A 193 16.23 -7.52 -16.80
N ALA A 194 16.81 -6.40 -17.25
CA ALA A 194 17.51 -6.38 -18.53
C ALA A 194 18.64 -7.40 -18.53
N LYS A 195 19.41 -7.42 -17.45
CA LYS A 195 20.50 -8.37 -17.29
C LYS A 195 20.00 -9.81 -17.36
N ALA A 196 18.79 -10.04 -16.87
CA ALA A 196 18.22 -11.39 -16.88
C ALA A 196 17.64 -11.77 -18.24
N GLY A 197 17.61 -10.81 -19.16
CA GLY A 197 17.22 -11.08 -20.53
C GLY A 197 15.80 -10.68 -20.92
N LEU A 198 15.10 -10.01 -20.02
CA LEU A 198 13.72 -9.62 -20.27
C LEU A 198 13.64 -8.54 -21.34
N THR A 199 12.61 -8.61 -22.17
CA THR A 199 12.34 -7.54 -23.14
C THR A 199 11.99 -6.27 -22.41
N LEU A 200 12.03 -5.16 -23.14
CA LEU A 200 11.67 -3.86 -22.58
C LEU A 200 10.26 -3.88 -22.00
N GLN A 201 9.33 -4.51 -22.71
CA GLN A 201 7.95 -4.61 -22.25
C GLN A 201 7.85 -5.47 -21.00
N GLN A 202 8.59 -6.59 -20.98
CA GLN A 202 8.61 -7.48 -19.84
C GLN A 202 9.24 -6.80 -18.62
N GLN A 203 10.18 -5.88 -18.87
CA GLN A 203 10.81 -5.14 -17.79
C GLN A 203 9.84 -4.21 -17.05
N HIS A 204 9.08 -3.38 -17.78
N HIS A 204 9.12 -3.39 -17.81
CA HIS A 204 8.20 -2.46 -17.09
CA HIS A 204 8.16 -2.46 -17.22
C HIS A 204 6.93 -3.17 -16.58
C HIS A 204 7.02 -3.22 -16.54
N GLN A 205 6.55 -4.27 -17.21
CA GLN A 205 5.46 -5.07 -16.70
C GLN A 205 5.86 -5.71 -15.36
N ARG A 206 7.08 -6.22 -15.28
CA ARG A 206 7.55 -6.86 -14.08
C ARG A 206 7.75 -5.83 -12.96
N LEU A 207 8.33 -4.67 -13.31
CA LEU A 207 8.51 -3.60 -12.35
C LEU A 207 7.19 -3.23 -11.69
N ALA A 208 6.16 -3.03 -12.52
CA ALA A 208 4.83 -2.70 -12.02
C ALA A 208 4.27 -3.78 -11.11
N GLN A 209 4.37 -5.03 -11.56
CA GLN A 209 3.92 -6.19 -10.79
C GLN A 209 4.52 -6.22 -9.38
N LEU A 210 5.82 -5.99 -9.28
CA LEU A 210 6.51 -6.02 -8.00
C LEU A 210 6.09 -4.85 -7.12
N LEU A 211 6.02 -3.66 -7.71
CA LEU A 211 5.68 -2.48 -6.92
C LEU A 211 4.22 -2.51 -6.44
N LEU A 212 3.34 -3.14 -7.21
CA LEU A 212 1.94 -3.26 -6.79
C LEU A 212 1.81 -4.22 -5.60
N ILE A 213 2.67 -5.23 -5.55
CA ILE A 213 2.70 -6.13 -4.40
C ILE A 213 3.00 -5.33 -3.11
N LEU A 214 3.77 -4.27 -3.23
CA LEU A 214 4.08 -3.41 -2.06
C LEU A 214 2.82 -2.82 -1.42
N SER A 215 1.81 -2.49 -2.22
CA SER A 215 0.54 -2.01 -1.69
C SER A 215 -0.08 -3.06 -0.77
N HIS A 216 0.02 -4.33 -1.18
CA HIS A 216 -0.49 -5.42 -0.36
C HIS A 216 0.33 -5.58 0.93
N ILE A 217 1.63 -5.43 0.84
CA ILE A 217 2.48 -5.50 2.02
C ILE A 217 2.11 -4.38 2.99
N ARG A 218 1.87 -3.19 2.46
CA ARG A 218 1.39 -2.09 3.30
C ARG A 218 0.09 -2.48 4.02
N HIS A 219 -0.83 -3.08 3.28
CA HIS A 219 -2.10 -3.52 3.82
C HIS A 219 -1.92 -4.52 4.98
N MET A 220 -1.02 -5.47 4.80
CA MET A 220 -0.78 -6.47 5.85
C MET A 220 -0.20 -5.82 7.10
N SER A 221 0.75 -4.92 6.92
CA SER A 221 1.36 -4.24 8.06
C SER A 221 0.32 -3.45 8.85
N ASN A 222 -0.57 -2.76 8.14
CA ASN A 222 -1.62 -2.01 8.82
C ASN A 222 -2.54 -2.93 9.62
N LYS A 223 -2.94 -4.06 9.03
CA LYS A 223 -3.76 -5.03 9.75
C LYS A 223 -2.99 -5.54 10.96
N GLY A 224 -1.71 -5.80 10.75
CA GLY A 224 -0.84 -6.30 11.81
C GLY A 224 -0.69 -5.30 12.95
N MET A 225 -0.54 -4.04 12.58
CA MET A 225 -0.38 -2.98 13.57
C MET A 225 -1.62 -2.84 14.45
N GLU A 226 -2.80 -3.10 13.88
CA GLU A 226 -4.03 -3.10 14.65
C GLU A 226 -4.03 -4.19 15.71
N HIS A 227 -3.58 -5.38 15.32
CA HIS A 227 -3.57 -6.51 16.23
C HIS A 227 -2.52 -6.32 17.32
N LEU A 228 -1.41 -5.70 16.96
CA LEU A 228 -0.36 -5.43 17.93
C LEU A 228 -0.85 -4.47 19.02
N TYR A 229 -1.63 -3.47 18.62
CA TYR A 229 -2.19 -2.52 19.57
C TYR A 229 -3.15 -3.23 20.54
N SER A 230 -3.94 -4.15 20.02
CA SER A 230 -4.92 -4.84 20.85
C SER A 230 -4.24 -5.88 21.74
N MET A 231 -3.06 -6.35 21.31
CA MET A 231 -2.29 -7.27 22.13
C MET A 231 -1.66 -6.53 23.30
N LYS A 232 -1.31 -5.27 23.07
CA LYS A 232 -0.81 -4.39 24.12
C LYS A 232 -1.90 -4.14 25.17
N CYS A 233 -3.12 -3.86 24.69
CA CYS A 233 -4.24 -3.57 25.57
C CYS A 233 -4.68 -4.79 26.38
N LYS A 234 -4.63 -5.96 25.76
CA LYS A 234 -4.98 -7.20 26.44
C LYS A 234 -3.99 -7.48 27.58
N ASN A 235 -2.76 -7.00 27.42
CA ASN A 235 -1.75 -7.07 28.47
C ASN A 235 -1.43 -8.50 28.91
N VAL A 236 -1.53 -9.44 27.99
CA VAL A 236 -1.20 -10.83 28.27
C VAL A 236 0.18 -11.17 27.74
N VAL A 237 0.39 -10.90 26.46
CA VAL A 237 1.68 -11.12 25.83
C VAL A 237 2.56 -9.88 25.95
N PRO A 238 3.64 -9.98 26.73
CA PRO A 238 4.52 -8.84 26.96
C PRO A 238 5.29 -8.40 25.71
N LEU A 239 5.04 -7.17 25.29
CA LEU A 239 5.84 -6.54 24.25
C LEU A 239 7.04 -5.89 24.92
N SER A 240 8.18 -5.88 24.23
CA SER A 240 9.36 -5.21 24.76
C SER A 240 9.21 -3.70 24.64
N ASP A 241 10.04 -2.96 25.37
CA ASP A 241 10.00 -1.50 25.33
C ASP A 241 10.24 -0.96 23.92
N LEU A 242 11.15 -1.60 23.20
CA LEU A 242 11.43 -1.21 21.82
C LEU A 242 10.18 -1.35 20.94
N LEU A 243 9.51 -2.50 21.05
CA LEU A 243 8.29 -2.72 20.27
C LEU A 243 7.15 -1.79 20.70
N LEU A 244 7.08 -1.51 22.00
CA LEU A 244 6.07 -0.59 22.51
C LEU A 244 6.26 0.80 21.91
N GLU A 245 7.51 1.21 21.79
CA GLU A 245 7.82 2.51 21.21
C GLU A 245 7.57 2.54 19.70
N MET A 246 7.84 1.43 19.02
CA MET A 246 7.50 1.29 17.62
C MET A 246 5.99 1.38 17.44
N LEU A 247 5.26 0.67 18.29
CA LEU A 247 3.81 0.61 18.24
C LEU A 247 3.15 1.95 18.53
N ASP A 248 3.60 2.62 19.61
CA ASP A 248 3.09 3.93 19.97
C ASP A 248 3.21 4.94 18.83
N ALA A 249 4.29 4.82 18.05
CA ALA A 249 4.57 5.75 16.97
C ALA A 249 3.51 5.71 15.87
N HIS A 250 2.82 4.57 15.74
CA HIS A 250 1.81 4.42 14.69
C HIS A 250 0.41 4.83 15.11
N ARG A 251 0.12 4.78 16.40
CA ARG A 251 -1.21 5.12 16.90
C ARG A 251 -1.27 6.57 17.37
N LEU A 252 -0.15 7.28 17.25
CA LEU A 252 -0.06 8.65 17.71
C LEU A 252 0.72 9.53 16.74
N SER B 8 -12.07 -12.05 -24.81
CA SER B 8 -12.11 -10.81 -24.04
C SER B 8 -11.76 -9.62 -24.92
N LEU B 9 -12.51 -8.53 -24.75
CA LEU B 9 -12.29 -7.32 -25.54
C LEU B 9 -11.21 -6.45 -24.91
N ALA B 10 -11.02 -6.59 -23.60
CA ALA B 10 -10.08 -5.76 -22.86
C ALA B 10 -8.64 -5.95 -23.31
N LEU B 11 -8.29 -7.18 -23.67
CA LEU B 11 -6.92 -7.51 -24.05
C LEU B 11 -6.63 -7.16 -25.51
N SER B 12 -7.67 -6.78 -26.25
CA SER B 12 -7.52 -6.48 -27.67
C SER B 12 -7.49 -4.97 -27.92
N LEU B 13 -7.60 -4.20 -26.83
CA LEU B 13 -7.57 -2.75 -26.94
C LEU B 13 -6.15 -2.24 -27.15
N THR B 14 -6.00 -1.27 -28.05
CA THR B 14 -4.74 -0.57 -28.19
C THR B 14 -4.59 0.36 -26.99
N ALA B 15 -3.38 0.90 -26.79
CA ALA B 15 -3.13 1.82 -25.70
C ALA B 15 -4.04 3.04 -25.77
N ASP B 16 -4.18 3.61 -26.97
CA ASP B 16 -5.00 4.80 -27.13
C ASP B 16 -6.49 4.51 -26.88
N GLN B 17 -6.93 3.31 -27.23
CA GLN B 17 -8.31 2.92 -27.02
C GLN B 17 -8.59 2.66 -25.54
N MET B 18 -7.58 2.18 -24.83
CA MET B 18 -7.68 2.02 -23.38
C MET B 18 -7.95 3.38 -22.75
N VAL B 19 -7.14 4.36 -23.11
CA VAL B 19 -7.23 5.70 -22.55
C VAL B 19 -8.58 6.35 -22.88
N SER B 20 -9.03 6.22 -24.12
CA SER B 20 -10.32 6.77 -24.54
C SER B 20 -11.46 6.12 -23.74
N ALA B 21 -11.39 4.81 -23.56
CA ALA B 21 -12.38 4.09 -22.78
C ALA B 21 -12.47 4.61 -21.36
N LEU B 22 -11.32 4.68 -20.69
CA LEU B 22 -11.25 5.16 -19.31
C LEU B 22 -11.74 6.61 -19.16
N LEU B 23 -11.26 7.50 -20.04
CA LEU B 23 -11.62 8.91 -19.97
C LEU B 23 -13.12 9.11 -20.17
N ASP B 24 -13.68 8.43 -21.17
CA ASP B 24 -15.11 8.54 -21.45
C ASP B 24 -15.94 8.08 -20.25
N ALA B 25 -15.39 7.18 -19.46
CA ALA B 25 -16.12 6.57 -18.36
C ALA B 25 -16.01 7.34 -17.05
N GLU B 26 -15.27 8.45 -17.05
CA GLU B 26 -15.04 9.22 -15.83
C GLU B 26 -16.35 9.63 -15.17
N PRO B 27 -16.47 9.44 -13.85
CA PRO B 27 -17.68 9.88 -13.16
C PRO B 27 -17.70 11.39 -13.05
N PRO B 28 -18.87 11.99 -12.82
CA PRO B 28 -18.88 13.45 -12.70
C PRO B 28 -18.43 13.93 -11.34
N ILE B 29 -18.18 15.23 -11.23
CA ILE B 29 -17.83 15.81 -9.95
C ILE B 29 -19.12 16.28 -9.26
N LEU B 30 -19.46 15.62 -8.17
CA LEU B 30 -20.69 15.89 -7.45
C LEU B 30 -20.58 17.04 -6.44
N TYR B 31 -21.73 17.60 -6.07
CA TYR B 31 -21.77 18.65 -5.06
C TYR B 31 -22.15 18.09 -3.71
N SER B 32 -21.73 18.77 -2.65
CA SER B 32 -22.17 18.42 -1.32
C SER B 32 -23.41 19.23 -0.97
N GLU B 33 -24.07 18.89 0.12
CA GLU B 33 -25.23 19.66 0.57
C GLU B 33 -24.79 20.74 1.55
N TYR B 34 -23.55 21.18 1.40
CA TYR B 34 -22.96 22.18 2.29
C TYR B 34 -23.74 23.49 2.28
N ASP B 35 -24.24 23.87 3.45
CA ASP B 35 -24.94 25.13 3.63
C ASP B 35 -24.03 26.09 4.39
N PRO B 36 -23.47 27.08 3.68
CA PRO B 36 -22.51 28.03 4.23
C PRO B 36 -23.05 28.84 5.42
N THR B 37 -24.37 28.98 5.51
CA THR B 37 -24.97 29.71 6.61
C THR B 37 -24.97 28.89 7.90
N ARG B 38 -25.12 27.58 7.76
CA ARG B 38 -25.20 26.69 8.92
C ARG B 38 -23.90 26.71 9.72
N PRO B 39 -24.01 26.88 11.05
CA PRO B 39 -22.83 26.78 11.91
C PRO B 39 -22.17 25.41 11.79
N PHE B 40 -20.85 25.40 11.58
CA PHE B 40 -20.12 24.16 11.47
C PHE B 40 -20.18 23.37 12.77
N SER B 41 -20.21 22.06 12.65
CA SER B 41 -20.12 21.16 13.79
C SER B 41 -19.49 19.87 13.30
N GLU B 42 -18.89 19.12 14.21
CA GLU B 42 -18.25 17.85 13.84
C GLU B 42 -19.26 16.92 13.20
N ALA B 43 -20.46 16.90 13.77
CA ALA B 43 -21.54 16.05 13.28
C ALA B 43 -21.92 16.37 11.84
N SER B 44 -22.16 17.64 11.55
CA SER B 44 -22.58 18.04 10.20
C SER B 44 -21.47 17.83 9.17
N MET B 45 -20.23 18.11 9.56
CA MET B 45 -19.11 17.95 8.65
C MET B 45 -18.94 16.50 8.21
N MET B 46 -19.05 15.57 9.15
CA MET B 46 -18.95 14.16 8.83
C MET B 46 -20.17 13.69 8.07
N GLY B 47 -21.32 14.32 8.34
CA GLY B 47 -22.54 14.04 7.62
C GLY B 47 -22.43 14.41 6.15
N LEU B 48 -21.82 15.56 5.88
CA LEU B 48 -21.60 16.03 4.51
C LEU B 48 -20.72 15.09 3.70
N LEU B 49 -19.56 14.76 4.27
CA LEU B 49 -18.62 13.86 3.60
C LEU B 49 -19.24 12.49 3.36
N THR B 50 -19.99 12.00 4.35
CA THR B 50 -20.66 10.71 4.26
C THR B 50 -21.75 10.70 3.18
N ASN B 51 -22.62 11.70 3.21
CA ASN B 51 -23.65 11.83 2.16
C ASN B 51 -23.01 11.89 0.78
N LEU B 52 -21.95 12.68 0.65
CA LEU B 52 -21.24 12.83 -0.61
C LEU B 52 -20.64 11.50 -1.09
N ALA B 53 -19.88 10.85 -0.21
CA ALA B 53 -19.28 9.55 -0.53
C ALA B 53 -20.33 8.54 -0.96
N ASP B 54 -21.51 8.59 -0.34
CA ASP B 54 -22.58 7.65 -0.65
C ASP B 54 -23.10 7.84 -2.08
N ARG B 55 -23.27 9.08 -2.51
CA ARG B 55 -23.70 9.36 -3.87
C ARG B 55 -22.56 9.06 -4.86
N GLU B 56 -21.33 9.30 -4.45
CA GLU B 56 -20.18 8.97 -5.30
C GLU B 56 -20.08 7.46 -5.57
N LEU B 57 -20.41 6.67 -4.56
CA LEU B 57 -20.37 5.21 -4.66
C LEU B 57 -21.22 4.67 -5.80
N VAL B 58 -22.40 5.26 -5.98
CA VAL B 58 -23.29 4.83 -7.04
C VAL B 58 -22.63 5.04 -8.41
N HIS B 59 -22.00 6.19 -8.60
CA HIS B 59 -21.33 6.49 -9.85
C HIS B 59 -20.10 5.60 -10.01
N MET B 60 -19.41 5.33 -8.90
CA MET B 60 -18.22 4.49 -8.93
C MET B 60 -18.56 3.07 -9.40
N ILE B 61 -19.64 2.52 -8.85
CA ILE B 61 -20.07 1.17 -9.20
C ILE B 61 -20.35 1.09 -10.70
N ASN B 62 -21.00 2.11 -11.25
CA ASN B 62 -21.31 2.09 -12.66
C ASN B 62 -20.09 2.43 -13.53
N TRP B 63 -19.14 3.18 -12.97
CA TRP B 63 -17.85 3.43 -13.63
C TRP B 63 -17.03 2.15 -13.73
N ALA B 64 -17.06 1.35 -12.67
CA ALA B 64 -16.28 0.12 -12.60
C ALA B 64 -16.66 -0.85 -13.71
N LYS B 65 -17.94 -0.87 -14.05
CA LYS B 65 -18.44 -1.73 -15.13
C LYS B 65 -17.80 -1.37 -16.47
N ARG B 66 -17.34 -0.12 -16.60
CA ARG B 66 -16.78 0.34 -17.85
C ARG B 66 -15.26 0.28 -17.88
N VAL B 67 -14.65 -0.14 -16.76
CA VAL B 67 -13.23 -0.42 -16.73
C VAL B 67 -13.00 -1.74 -17.46
N PRO B 68 -12.13 -1.73 -18.50
CA PRO B 68 -11.90 -2.94 -19.29
C PRO B 68 -11.48 -4.14 -18.43
N GLY B 69 -12.16 -5.26 -18.62
CA GLY B 69 -11.87 -6.47 -17.87
C GLY B 69 -12.83 -6.74 -16.72
N PHE B 70 -13.36 -5.67 -16.12
CA PHE B 70 -14.17 -5.81 -14.91
C PHE B 70 -15.42 -6.65 -15.11
N VAL B 71 -16.05 -6.51 -16.28
CA VAL B 71 -17.28 -7.23 -16.59
C VAL B 71 -16.99 -8.70 -16.89
N ASP B 72 -15.77 -8.98 -17.37
CA ASP B 72 -15.36 -10.36 -17.64
C ASP B 72 -15.29 -11.18 -16.36
N LEU B 73 -15.21 -10.49 -15.22
CA LEU B 73 -15.13 -11.14 -13.92
C LEU B 73 -16.50 -11.63 -13.47
N THR B 74 -16.52 -12.62 -12.58
CA THR B 74 -17.78 -13.05 -11.98
C THR B 74 -18.29 -11.95 -11.06
N LEU B 75 -19.57 -12.03 -10.71
CA LEU B 75 -20.18 -11.00 -9.90
C LEU B 75 -19.57 -10.93 -8.50
N HIS B 76 -19.36 -12.09 -7.89
CA HIS B 76 -18.79 -12.14 -6.54
C HIS B 76 -17.40 -11.48 -6.48
N ASP B 77 -16.60 -11.69 -7.52
CA ASP B 77 -15.28 -11.07 -7.58
C ASP B 77 -15.40 -9.56 -7.77
N GLN B 78 -16.36 -9.13 -8.60
CA GLN B 78 -16.63 -7.71 -8.78
C GLN B 78 -16.93 -7.06 -7.44
N VAL B 79 -17.79 -7.71 -6.66
CA VAL B 79 -18.17 -7.23 -5.35
C VAL B 79 -16.94 -7.07 -4.45
N HIS B 80 -16.11 -8.10 -4.42
CA HIS B 80 -14.94 -8.13 -3.57
C HIS B 80 -13.95 -7.01 -3.91
N LEU B 81 -13.69 -6.83 -5.21
CA LEU B 81 -12.77 -5.78 -5.66
C LEU B 81 -13.27 -4.39 -5.24
N LEU B 82 -14.57 -4.14 -5.40
CA LEU B 82 -15.10 -2.83 -5.00
C LEU B 82 -15.14 -2.68 -3.47
N GLU B 83 -15.40 -3.76 -2.75
CA GLU B 83 -15.36 -3.71 -1.30
C GLU B 83 -13.94 -3.35 -0.80
N CYS B 84 -12.92 -3.87 -1.49
CA CYS B 84 -11.55 -3.58 -1.08
C CYS B 84 -11.09 -2.19 -1.49
N ALA B 85 -11.59 -1.70 -2.61
CA ALA B 85 -10.96 -0.56 -3.28
C ALA B 85 -11.71 0.77 -3.15
N TRP B 86 -12.95 0.75 -2.67
CA TRP B 86 -13.81 1.93 -2.85
C TRP B 86 -13.29 3.19 -2.15
N LEU B 87 -12.74 3.06 -0.94
CA LEU B 87 -12.26 4.26 -0.25
C LEU B 87 -10.99 4.77 -0.93
N GLU B 88 -10.12 3.86 -1.34
CA GLU B 88 -8.92 4.22 -2.11
C GLU B 88 -9.27 5.04 -3.34
N ILE B 89 -10.31 4.59 -4.04
CA ILE B 89 -10.75 5.21 -5.29
C ILE B 89 -11.40 6.58 -5.03
N LEU B 90 -12.22 6.68 -3.98
CA LEU B 90 -12.70 7.98 -3.55
C LEU B 90 -11.55 8.93 -3.21
N MET B 91 -10.55 8.41 -2.50
CA MET B 91 -9.44 9.23 -2.04
C MET B 91 -8.54 9.72 -3.19
N ILE B 92 -8.26 8.87 -4.17
CA ILE B 92 -7.39 9.30 -5.26
C ILE B 92 -8.16 10.29 -6.13
N GLY B 93 -9.48 10.16 -6.18
CA GLY B 93 -10.30 11.12 -6.90
C GLY B 93 -10.25 12.48 -6.21
N LEU B 94 -10.37 12.45 -4.88
CA LEU B 94 -10.31 13.67 -4.08
C LEU B 94 -8.96 14.38 -4.26
N VAL B 95 -7.90 13.60 -4.17
CA VAL B 95 -6.55 14.13 -4.32
C VAL B 95 -6.36 14.71 -5.72
N TRP B 96 -6.92 14.05 -6.73
CA TRP B 96 -6.87 14.55 -8.10
C TRP B 96 -7.60 15.90 -8.23
N ARG B 97 -8.82 15.97 -7.70
CA ARG B 97 -9.60 17.22 -7.76
C ARG B 97 -8.89 18.36 -7.05
N SER B 98 -8.04 18.01 -6.09
CA SER B 98 -7.43 19.00 -5.19
C SER B 98 -6.08 19.51 -5.68
N MET B 99 -5.61 19.00 -6.82
CA MET B 99 -4.29 19.32 -7.33
C MET B 99 -4.04 20.80 -7.54
N GLU B 100 -5.04 21.52 -8.05
CA GLU B 100 -4.88 22.94 -8.34
C GLU B 100 -5.31 23.81 -7.16
N HIS B 101 -5.44 23.21 -5.99
CA HIS B 101 -5.78 23.94 -4.78
C HIS B 101 -4.80 23.62 -3.65
N PRO B 102 -3.57 24.14 -3.75
CA PRO B 102 -2.52 23.86 -2.77
C PRO B 102 -2.95 24.15 -1.33
N GLY B 103 -2.76 23.18 -0.45
CA GLY B 103 -3.14 23.35 0.94
C GLY B 103 -4.61 23.11 1.20
N LYS B 104 -5.37 22.74 0.17
CA LYS B 104 -6.79 22.53 0.35
C LYS B 104 -7.28 21.24 -0.30
N LEU B 105 -8.33 20.68 0.27
CA LEU B 105 -8.98 19.49 -0.27
C LEU B 105 -10.33 19.86 -0.85
N LEU B 106 -10.50 19.62 -2.14
CA LEU B 106 -11.75 19.91 -2.81
C LEU B 106 -12.66 18.69 -2.76
N PHE B 107 -13.38 18.52 -1.66
CA PHE B 107 -14.31 17.40 -1.56
C PHE B 107 -15.43 17.55 -2.61
N ALA B 108 -15.88 18.78 -2.80
CA ALA B 108 -16.82 19.13 -3.86
C ALA B 108 -16.54 20.56 -4.28
N PRO B 109 -17.14 21.02 -5.41
CA PRO B 109 -16.88 22.42 -5.76
C PRO B 109 -17.30 23.41 -4.68
N ASN B 110 -18.30 23.04 -3.88
CA ASN B 110 -18.83 23.93 -2.84
C ASN B 110 -18.35 23.50 -1.46
N LEU B 111 -17.46 22.53 -1.41
CA LEU B 111 -16.89 22.07 -0.16
C LEU B 111 -15.38 21.99 -0.29
N LEU B 112 -14.72 23.10 -0.03
CA LEU B 112 -13.27 23.18 -0.11
C LEU B 112 -12.74 23.36 1.30
N LEU B 113 -12.00 22.36 1.79
CA LEU B 113 -11.56 22.36 3.17
C LEU B 113 -10.05 22.54 3.30
N ASP B 114 -9.64 23.37 4.25
CA ASP B 114 -8.23 23.53 4.56
C ASP B 114 -7.85 22.70 5.78
N ARG B 115 -6.58 22.77 6.16
CA ARG B 115 -6.04 21.98 7.25
C ARG B 115 -6.75 22.22 8.58
N ASN B 116 -7.11 23.48 8.85
CA ASN B 116 -7.69 23.84 10.15
C ASN B 116 -9.13 23.36 10.32
N GLN B 117 -9.83 23.19 9.20
CA GLN B 117 -11.17 22.64 9.24
C GLN B 117 -11.10 21.13 9.47
N GLY B 118 -9.99 20.54 9.03
CA GLY B 118 -9.57 19.26 9.57
C GLY B 118 -9.20 19.58 11.00
N LYS B 119 -9.47 18.65 11.93
CA LYS B 119 -9.72 18.93 13.35
C LYS B 119 -11.18 19.28 13.41
N CYS B 120 -11.66 19.71 14.58
CA CYS B 120 -13.11 19.78 14.86
C CYS B 120 -13.73 18.37 14.77
N VAL B 121 -13.32 17.61 13.77
CA VAL B 121 -13.53 16.17 13.73
C VAL B 121 -12.25 15.44 14.17
N GLU B 122 -12.38 14.64 15.22
CA GLU B 122 -11.23 13.95 15.81
C GLU B 122 -10.57 12.98 14.83
N GLY B 123 -9.25 13.00 14.81
CA GLY B 123 -8.48 12.08 13.99
C GLY B 123 -8.43 12.44 12.51
N MET B 124 -9.15 13.50 12.14
CA MET B 124 -9.25 13.90 10.74
C MET B 124 -7.99 14.60 10.23
N VAL B 125 -7.35 15.36 11.12
CA VAL B 125 -6.15 16.12 10.80
C VAL B 125 -5.07 15.30 10.11
N GLU B 126 -4.69 14.19 10.75
CA GLU B 126 -3.61 13.34 10.27
C GLU B 126 -3.85 12.87 8.85
N ILE B 127 -5.08 12.45 8.57
CA ILE B 127 -5.42 11.95 7.24
C ILE B 127 -5.52 13.09 6.24
N PHE B 128 -6.00 14.25 6.70
CA PHE B 128 -6.05 15.44 5.87
C PHE B 128 -4.64 15.79 5.37
N ASP B 129 -3.66 15.75 6.28
CA ASP B 129 -2.29 16.05 5.89
C ASP B 129 -1.76 15.01 4.91
N MET B 130 -2.15 13.75 5.11
CA MET B 130 -1.71 12.69 4.19
C MET B 130 -2.30 12.90 2.79
N LEU B 131 -3.56 13.27 2.73
CA LEU B 131 -4.21 13.56 1.44
C LEU B 131 -3.61 14.78 0.77
N LEU B 132 -3.32 15.82 1.55
CA LEU B 132 -2.69 17.03 1.04
C LEU B 132 -1.29 16.76 0.49
N ALA B 133 -0.53 15.90 1.18
CA ALA B 133 0.80 15.53 0.73
C ALA B 133 0.74 14.79 -0.61
N THR B 134 -0.28 13.95 -0.76
CA THR B 134 -0.46 13.19 -1.99
C THR B 134 -0.79 14.12 -3.13
N SER B 135 -1.62 15.12 -2.85
CA SER B 135 -2.04 16.09 -3.84
C SER B 135 -0.84 16.92 -4.30
N SER B 136 -0.01 17.32 -3.34
CA SER B 136 1.23 18.04 -3.63
C SER B 136 2.15 17.21 -4.52
N ARG B 137 2.25 15.92 -4.19
CA ARG B 137 3.06 14.99 -4.95
C ARG B 137 2.58 14.91 -6.40
N PHE B 138 1.28 14.78 -6.60
CA PHE B 138 0.72 14.73 -7.94
C PHE B 138 0.97 16.04 -8.70
N ARG B 139 0.83 17.17 -7.99
CA ARG B 139 1.03 18.48 -8.59
C ARG B 139 2.46 18.65 -9.06
N MET B 140 3.42 18.29 -8.22
CA MET B 140 4.83 18.38 -8.55
C MET B 140 5.21 17.45 -9.70
N MET B 141 4.63 16.25 -9.71
CA MET B 141 4.84 15.31 -10.80
C MET B 141 4.11 15.73 -12.06
N ASN B 142 3.20 16.69 -11.91
CA ASN B 142 2.35 17.14 -13.01
C ASN B 142 1.61 15.96 -13.60
N LEU B 143 0.92 15.22 -12.74
CA LEU B 143 0.13 14.07 -13.16
C LEU B 143 -0.87 14.47 -14.25
N GLN B 144 -0.96 13.66 -15.29
CA GLN B 144 -1.88 13.94 -16.38
C GLN B 144 -3.17 13.16 -16.18
N GLY B 145 -4.28 13.73 -16.69
CA GLY B 145 -5.57 13.08 -16.59
C GLY B 145 -5.55 11.65 -17.09
N GLU B 146 -4.80 11.43 -18.17
CA GLU B 146 -4.67 10.10 -18.76
C GLU B 146 -3.98 9.11 -17.81
N GLU B 147 -3.04 9.60 -17.01
CA GLU B 147 -2.29 8.74 -16.09
C GLU B 147 -3.17 8.42 -14.88
N PHE B 148 -3.89 9.45 -14.43
CA PHE B 148 -4.83 9.32 -13.31
C PHE B 148 -5.89 8.25 -13.53
N VAL B 149 -6.51 8.21 -14.71
CA VAL B 149 -7.55 7.21 -14.95
C VAL B 149 -6.93 5.81 -15.00
N CYS B 150 -5.69 5.70 -15.47
CA CYS B 150 -4.99 4.41 -15.46
C CYS B 150 -4.74 3.95 -14.02
N LEU B 151 -4.28 4.87 -13.18
CA LEU B 151 -4.01 4.57 -11.76
C LEU B 151 -5.26 4.13 -11.03
N LYS B 152 -6.37 4.81 -11.31
CA LYS B 152 -7.62 4.52 -10.64
C LYS B 152 -8.13 3.11 -11.03
N SER B 153 -7.94 2.73 -12.30
CA SER B 153 -8.29 1.39 -12.75
C SER B 153 -7.39 0.32 -12.15
N ILE B 154 -6.10 0.65 -11.98
CA ILE B 154 -5.15 -0.27 -11.34
C ILE B 154 -5.59 -0.56 -9.91
N ILE B 155 -5.95 0.49 -9.17
CA ILE B 155 -6.43 0.33 -7.80
C ILE B 155 -7.64 -0.62 -7.73
N LEU B 156 -8.59 -0.42 -8.62
CA LEU B 156 -9.79 -1.26 -8.68
C LEU B 156 -9.47 -2.74 -8.87
N LEU B 157 -8.55 -3.02 -9.79
CA LEU B 157 -8.21 -4.39 -10.14
C LEU B 157 -7.25 -5.04 -9.15
N ASN B 158 -6.38 -4.22 -8.56
CA ASN B 158 -5.29 -4.75 -7.74
C ASN B 158 -5.57 -4.92 -6.25
N SER B 159 -6.35 -4.00 -5.66
CA SER B 159 -6.44 -3.95 -4.22
C SER B 159 -7.04 -5.20 -3.58
N GLY B 160 -7.95 -5.86 -4.28
CA GLY B 160 -8.54 -7.07 -3.74
C GLY B 160 -7.97 -8.37 -4.27
N VAL B 161 -7.03 -8.27 -5.22
CA VAL B 161 -6.60 -9.45 -5.97
C VAL B 161 -5.93 -10.52 -5.10
N TYR B 162 -5.38 -10.11 -3.96
CA TYR B 162 -4.65 -11.07 -3.11
C TYR B 162 -5.47 -11.59 -1.93
N THR B 163 -6.73 -11.16 -1.85
CA THR B 163 -7.57 -11.57 -0.72
C THR B 163 -8.85 -12.29 -1.17
N PHE B 164 -8.86 -12.77 -2.41
CA PHE B 164 -9.97 -13.60 -2.88
C PHE B 164 -10.06 -14.88 -2.06
N THR B 168 -12.34 -22.14 -4.42
CA THR B 168 -10.90 -22.21 -4.64
C THR B 168 -10.56 -23.15 -5.81
N LEU B 169 -9.89 -22.58 -6.82
CA LEU B 169 -9.57 -23.23 -8.10
C LEU B 169 -10.91 -23.49 -8.84
N LYS B 170 -10.86 -23.69 -10.16
CA LYS B 170 -11.99 -23.39 -11.02
C LYS B 170 -12.27 -21.91 -10.76
N SER B 171 -11.18 -21.15 -10.84
CA SER B 171 -11.07 -19.76 -10.44
C SER B 171 -9.63 -19.46 -10.76
N LEU B 172 -8.92 -18.71 -9.91
CA LEU B 172 -7.46 -18.51 -10.08
C LEU B 172 -7.06 -17.97 -11.45
N GLU B 173 -7.58 -18.61 -12.51
CA GLU B 173 -7.49 -18.07 -13.87
C GLU B 173 -8.23 -16.75 -13.96
N GLU B 174 -9.10 -16.51 -12.98
CA GLU B 174 -9.71 -15.20 -12.80
C GLU B 174 -8.66 -14.18 -12.41
N LYS B 175 -7.79 -14.57 -11.47
CA LYS B 175 -6.67 -13.74 -11.06
C LYS B 175 -5.73 -13.54 -12.24
N ASP B 176 -5.53 -14.60 -13.01
CA ASP B 176 -4.66 -14.55 -14.16
C ASP B 176 -5.16 -13.53 -15.18
N HIS B 177 -6.48 -13.50 -15.38
CA HIS B 177 -7.07 -12.53 -16.30
C HIS B 177 -6.92 -11.12 -15.78
N ILE B 178 -7.15 -10.93 -14.48
CA ILE B 178 -6.98 -9.61 -13.86
C ILE B 178 -5.54 -9.15 -14.01
N HIS B 179 -4.60 -10.07 -13.82
CA HIS B 179 -3.19 -9.72 -13.94
C HIS B 179 -2.81 -9.35 -15.37
N ARG B 180 -3.42 -10.02 -16.35
CA ARG B 180 -3.20 -9.68 -17.77
C ARG B 180 -3.73 -8.28 -18.10
N VAL B 181 -4.90 -7.95 -17.56
CA VAL B 181 -5.46 -6.62 -17.74
C VAL B 181 -4.55 -5.60 -17.08
N LEU B 182 -4.08 -5.92 -15.88
CA LEU B 182 -3.16 -5.04 -15.17
C LEU B 182 -1.89 -4.78 -15.99
N ASP B 183 -1.36 -5.82 -16.62
CA ASP B 183 -0.20 -5.66 -17.50
C ASP B 183 -0.51 -4.74 -18.68
N LYS B 184 -1.71 -4.86 -19.25
CA LYS B 184 -2.15 -3.97 -20.32
C LYS B 184 -2.16 -2.50 -19.87
N ILE B 185 -2.59 -2.25 -18.64
CA ILE B 185 -2.64 -0.88 -18.14
C ILE B 185 -1.22 -0.34 -17.92
N THR B 186 -0.30 -1.19 -17.48
CA THR B 186 1.09 -0.79 -17.40
C THR B 186 1.63 -0.40 -18.78
N ASP B 187 1.31 -1.20 -19.80
CA ASP B 187 1.69 -0.88 -21.17
C ASP B 187 1.15 0.49 -21.57
N THR B 188 -0.07 0.78 -21.15
CA THR B 188 -0.75 2.02 -21.51
C THR B 188 -0.07 3.23 -20.86
N LEU B 189 0.23 3.12 -19.56
CA LEU B 189 1.00 4.13 -18.85
C LEU B 189 2.33 4.44 -19.52
N ILE B 190 3.08 3.40 -19.85
CA ILE B 190 4.38 3.57 -20.49
C ILE B 190 4.20 4.27 -21.84
N HIS B 191 3.15 3.89 -22.56
CA HIS B 191 2.84 4.47 -23.86
C HIS B 191 2.60 5.98 -23.76
N LEU B 192 1.85 6.38 -22.74
CA LEU B 192 1.58 7.79 -22.48
C LEU B 192 2.86 8.57 -22.25
N MET B 193 3.76 7.98 -21.47
CA MET B 193 5.01 8.63 -21.10
C MET B 193 5.97 8.79 -22.28
N ALA B 194 6.11 7.72 -23.08
CA ALA B 194 6.92 7.79 -24.29
C ALA B 194 6.40 8.85 -25.25
N LYS B 195 5.07 8.97 -25.29
CA LYS B 195 4.40 9.95 -26.14
C LYS B 195 4.69 11.39 -25.70
N ALA B 196 4.90 11.57 -24.41
CA ALA B 196 5.21 12.89 -23.87
C ALA B 196 6.70 13.20 -23.94
N GLY B 197 7.45 12.31 -24.59
CA GLY B 197 8.85 12.55 -24.87
C GLY B 197 9.84 12.09 -23.81
N LEU B 198 9.33 11.41 -22.78
CA LEU B 198 10.19 10.89 -21.73
C LEU B 198 11.13 9.81 -22.28
N THR B 199 12.38 9.83 -21.83
CA THR B 199 13.33 8.80 -22.19
C THR B 199 12.95 7.49 -21.51
N LEU B 200 13.57 6.39 -21.93
CA LEU B 200 13.28 5.09 -21.32
C LEU B 200 13.52 5.09 -19.82
N GLN B 201 14.66 5.65 -19.40
CA GLN B 201 14.97 5.76 -17.98
C GLN B 201 13.91 6.57 -17.24
N GLN B 202 13.52 7.70 -17.82
CA GLN B 202 12.48 8.56 -17.26
C GLN B 202 11.13 7.85 -17.19
N GLN B 203 10.84 7.02 -18.19
CA GLN B 203 9.57 6.29 -18.23
C GLN B 203 9.45 5.32 -17.06
N HIS B 204 10.45 4.47 -16.89
N HIS B 204 10.47 4.48 -16.85
CA HIS B 204 10.43 3.49 -15.82
CA HIS B 204 10.36 3.48 -15.79
C HIS B 204 10.37 4.20 -14.47
C HIS B 204 10.45 4.13 -14.42
N GLN B 205 11.10 5.29 -14.35
CA GLN B 205 11.17 6.04 -13.09
C GLN B 205 9.80 6.62 -12.73
N ARG B 206 9.16 7.28 -13.69
CA ARG B 206 7.85 7.87 -13.45
C ARG B 206 6.84 6.78 -13.12
N LEU B 207 6.92 5.66 -13.83
CA LEU B 207 6.05 4.52 -13.59
C LEU B 207 6.17 4.07 -12.13
N ALA B 208 7.40 3.90 -11.66
CA ALA B 208 7.65 3.50 -10.27
C ALA B 208 7.06 4.53 -9.31
N GLN B 209 7.28 5.80 -9.62
CA GLN B 209 6.85 6.91 -8.78
C GLN B 209 5.34 6.89 -8.57
N LEU B 210 4.60 6.65 -9.66
CA LEU B 210 3.15 6.60 -9.63
C LEU B 210 2.64 5.41 -8.82
N LEU B 211 3.22 4.24 -9.06
CA LEU B 211 2.80 3.04 -8.35
C LEU B 211 3.15 3.07 -6.86
N LEU B 212 4.26 3.69 -6.50
CA LEU B 212 4.62 3.79 -5.09
C LEU B 212 3.60 4.65 -4.34
N ILE B 213 3.06 5.66 -5.02
CA ILE B 213 2.04 6.51 -4.43
C ILE B 213 0.80 5.69 -4.05
N LEU B 214 0.52 4.64 -4.83
CA LEU B 214 -0.59 3.73 -4.53
C LEU B 214 -0.45 3.05 -3.16
N SER B 215 0.78 2.84 -2.70
CA SER B 215 0.99 2.27 -1.36
CA SER B 215 1.01 2.29 -1.36
C SER B 215 0.50 3.24 -0.27
N HIS B 216 0.76 4.52 -0.47
N HIS B 216 0.72 4.52 -0.49
CA HIS B 216 0.30 5.57 0.44
CA HIS B 216 0.27 5.53 0.46
C HIS B 216 -1.22 5.69 0.42
C HIS B 216 -1.24 5.72 0.42
N ILE B 217 -1.80 5.52 -0.76
CA ILE B 217 -3.24 5.59 -0.90
C ILE B 217 -3.87 4.40 -0.16
N ARG B 218 -3.22 3.24 -0.26
CA ARG B 218 -3.68 2.08 0.50
C ARG B 218 -3.62 2.40 2.00
N HIS B 219 -2.53 3.04 2.40
CA HIS B 219 -2.30 3.36 3.80
C HIS B 219 -3.40 4.28 4.32
N MET B 220 -3.74 5.27 3.52
CA MET B 220 -4.78 6.23 3.88
C MET B 220 -6.15 5.58 3.95
N SER B 221 -6.48 4.72 2.99
CA SER B 221 -7.73 3.97 3.03
C SER B 221 -7.88 3.13 4.30
N ASN B 222 -6.80 2.45 4.67
CA ASN B 222 -6.78 1.63 5.88
C ASN B 222 -7.06 2.44 7.13
N LYS B 223 -6.41 3.59 7.25
CA LYS B 223 -6.65 4.48 8.37
C LYS B 223 -8.08 4.99 8.35
N GLY B 224 -8.57 5.38 7.18
CA GLY B 224 -9.94 5.84 7.03
C GLY B 224 -10.94 4.77 7.43
N MET B 225 -10.67 3.53 7.02
CA MET B 225 -11.59 2.44 7.31
C MET B 225 -11.66 2.20 8.80
N GLU B 226 -10.55 2.40 9.47
CA GLU B 226 -10.49 2.34 10.93
C GLU B 226 -11.43 3.39 11.54
N HIS B 227 -11.32 4.63 11.06
CA HIS B 227 -12.15 5.72 11.55
C HIS B 227 -13.62 5.52 11.23
N LEU B 228 -13.89 4.88 10.09
CA LEU B 228 -15.26 4.61 9.67
C LEU B 228 -15.96 3.71 10.67
N TYR B 229 -15.25 2.72 11.17
CA TYR B 229 -15.80 1.82 12.18
C TYR B 229 -16.07 2.57 13.48
N SER B 230 -15.16 3.48 13.84
CA SER B 230 -15.30 4.28 15.05
C SER B 230 -16.55 5.17 14.97
N MET B 231 -16.91 5.55 13.75
CA MET B 231 -18.11 6.31 13.52
C MET B 231 -19.34 5.45 13.77
N LYS B 232 -19.33 4.24 13.24
CA LYS B 232 -20.46 3.32 13.32
C LYS B 232 -20.88 3.05 14.77
N CYS B 233 -19.97 2.50 15.57
CA CYS B 233 -20.31 2.13 16.94
C CYS B 233 -20.35 3.34 17.88
N LYS B 234 -20.20 4.53 17.32
CA LYS B 234 -20.48 5.77 18.03
C LYS B 234 -21.67 6.45 17.35
N ASN B 235 -22.84 5.85 17.50
CA ASN B 235 -24.04 6.21 16.74
C ASN B 235 -24.40 7.70 16.82
N VAL B 236 -23.71 8.52 16.04
CA VAL B 236 -24.01 9.94 15.95
C VAL B 236 -24.23 10.35 14.49
N VAL B 237 -23.15 10.26 13.71
CA VAL B 237 -23.23 10.51 12.28
C VAL B 237 -23.66 9.24 11.56
N PRO B 238 -24.88 9.24 10.98
CA PRO B 238 -25.45 8.04 10.36
C PRO B 238 -24.77 7.63 9.07
N LEU B 239 -24.32 6.39 9.00
CA LEU B 239 -23.77 5.83 7.77
C LEU B 239 -24.91 5.32 6.90
N SER B 240 -24.77 5.50 5.58
CA SER B 240 -25.80 5.00 4.67
C SER B 240 -25.79 3.49 4.63
N ASP B 241 -26.86 2.89 4.12
CA ASP B 241 -26.97 1.44 4.05
C ASP B 241 -25.91 0.81 3.14
N LEU B 242 -25.48 1.56 2.12
CA LEU B 242 -24.44 1.06 1.23
C LEU B 242 -23.07 1.13 1.89
N LEU B 243 -22.82 2.24 2.59
CA LEU B 243 -21.56 2.40 3.31
C LEU B 243 -21.42 1.36 4.43
N LEU B 244 -22.53 1.10 5.11
CA LEU B 244 -22.55 0.13 6.20
C LEU B 244 -22.15 -1.27 5.73
N GLU B 245 -22.63 -1.65 4.56
CA GLU B 245 -22.31 -2.97 4.02
C GLU B 245 -20.87 -3.05 3.54
N MET B 246 -20.34 -1.96 3.01
CA MET B 246 -18.94 -1.89 2.61
C MET B 246 -18.05 -2.07 3.83
N LEU B 247 -18.43 -1.40 4.92
CA LEU B 247 -17.64 -1.41 6.15
C LEU B 247 -17.59 -2.81 6.75
N ASP B 248 -18.71 -3.52 6.70
CA ASP B 248 -18.78 -4.90 7.16
C ASP B 248 -17.83 -5.81 6.39
N ALA B 249 -17.60 -5.48 5.13
CA ALA B 249 -16.72 -6.25 4.27
C ALA B 249 -15.26 -6.15 4.72
N HIS B 250 -14.87 -4.97 5.18
CA HIS B 250 -13.51 -4.75 5.67
C HIS B 250 -13.30 -5.47 6.99
N ARG B 251 -14.41 -5.81 7.66
CA ARG B 251 -14.36 -6.60 8.87
C ARG B 251 -14.25 -8.09 8.54
N HIS C 2 14.71 7.96 26.52
CA HIS C 2 13.87 8.80 25.66
C HIS C 2 13.35 8.01 24.45
N LYS C 3 14.26 7.45 23.67
CA LYS C 3 13.88 6.58 22.57
C LYS C 3 14.98 5.57 22.24
N ILE C 4 14.67 4.29 22.42
CA ILE C 4 15.61 3.22 22.17
C ILE C 4 16.09 3.26 20.72
N LEU C 5 15.17 3.60 19.82
CA LEU C 5 15.50 3.70 18.39
C LEU C 5 16.61 4.72 18.15
N HIS C 6 16.63 5.79 18.92
CA HIS C 6 17.71 6.78 18.84
C HIS C 6 19.07 6.15 19.15
N ARG C 7 19.11 5.38 20.24
CA ARG C 7 20.35 4.76 20.68
C ARG C 7 20.82 3.71 19.69
N LEU C 8 19.88 2.97 19.12
CA LEU C 8 20.22 1.89 18.19
C LEU C 8 20.75 2.42 16.87
N LEU C 9 20.19 3.52 16.40
CA LEU C 9 20.66 4.13 15.15
C LEU C 9 22.03 4.76 15.31
N GLN C 10 22.26 5.41 16.45
CA GLN C 10 23.53 6.10 16.68
C GLN C 10 24.69 5.13 16.94
N ASP C 11 24.39 3.94 17.47
CA ASP C 11 25.42 2.94 17.73
C ASP C 11 25.40 1.83 16.68
N SER C 12 24.82 2.14 15.52
CA SER C 12 24.59 1.15 14.49
C SER C 12 25.86 0.54 13.93
N SER C 13 25.77 -0.71 13.49
CA SER C 13 26.88 -1.42 12.88
C SER C 13 26.39 -2.53 11.95
N HIS D 2 -27.74 -11.34 -1.25
CA HIS D 2 -28.02 -10.18 -2.10
C HIS D 2 -27.57 -8.88 -1.44
N LYS D 3 -26.28 -8.60 -1.49
CA LYS D 3 -25.76 -7.32 -1.01
C LYS D 3 -26.27 -6.18 -1.88
N ILE D 4 -26.21 -4.96 -1.36
CA ILE D 4 -26.59 -3.78 -2.14
C ILE D 4 -25.66 -3.63 -3.32
N LEU D 5 -24.36 -3.77 -3.06
CA LEU D 5 -23.33 -3.74 -4.10
C LEU D 5 -23.60 -4.79 -5.17
N HIS D 6 -23.95 -5.99 -4.71
CA HIS D 6 -24.29 -7.11 -5.55
C HIS D 6 -25.38 -6.75 -6.57
N ARG D 7 -26.44 -6.10 -6.08
CA ARG D 7 -27.59 -5.75 -6.90
C ARG D 7 -27.28 -4.65 -7.92
N LEU D 8 -26.61 -3.61 -7.48
CA LEU D 8 -26.30 -2.46 -8.34
C LEU D 8 -25.35 -2.85 -9.46
N LEU D 9 -24.58 -3.89 -9.23
CA LEU D 9 -23.66 -4.41 -10.25
C LEU D 9 -24.39 -5.23 -11.29
N GLN D 10 -25.62 -5.64 -10.98
CA GLN D 10 -26.43 -6.44 -11.90
C GLN D 10 -27.27 -5.58 -12.83
N ASP D 11 -27.81 -4.49 -12.29
CA ASP D 11 -28.70 -3.61 -13.03
C ASP D 11 -28.04 -3.05 -14.29
O01 5K8 E . 5.31 -8.44 18.38
C02 5K8 E . 5.24 -8.98 17.10
C03 5K8 E . 4.56 -10.16 16.91
C04 5K8 E . 4.46 -10.74 15.58
C05 5K8 E . 5.05 -10.08 14.48
C06 5K8 E . 4.96 -10.72 13.03
C07 5K8 E . 6.33 -11.06 12.38
C08 5K8 E . 7.36 -11.50 13.24
C09 5K8 E . 8.65 -11.82 12.70
C10 5K8 E . 8.90 -11.68 11.30
O11 5K8 E . 10.20 -12.00 10.77
C12 5K8 E . 7.87 -11.23 10.45
C13 5K8 E . 6.59 -10.91 10.99
C14 5K8 E . 3.68 -10.97 12.41
C15 5K8 E . 3.47 -11.71 11.08
C16 5K8 E . 2.32 -12.69 11.17
C17 5K8 E . 1.03 -12.01 11.67
C18 5K8 E . 1.27 -11.38 13.03
C19 5K8 E . -0.03 -10.63 13.50
C20 5K8 E . 0.30 -9.63 14.62
O21 5K8 E . 0.49 -10.07 15.90
C22 5K8 E . -0.34 -9.36 16.84
O23 5K8 E . 0.32 -8.49 14.38
C24 5K8 E . -1.14 -11.62 13.97
O25 5K8 E . -2.19 -11.14 14.77
C26 5K8 E . -3.49 -11.47 14.27
O27 5K8 E . -0.92 -12.84 13.94
C28 5K8 E . 2.41 -10.37 12.98
C29 5K8 E . 5.74 -8.89 14.68
C30 5K8 E . 5.83 -8.32 16.01
O01 5K8 F . -18.54 7.95 5.48
C02 5K8 F . -17.44 8.61 4.92
C03 5K8 F . -16.99 9.80 5.47
C04 5K8 F . -15.85 10.49 4.87
C05 5K8 F . -15.21 9.94 3.75
C06 5K8 F . -13.97 10.65 3.07
C07 5K8 F . -14.18 10.99 1.58
C08 5K8 F . -15.44 11.44 1.16
C09 5K8 F . -15.66 11.76 -0.22
C10 5K8 F . -14.59 11.61 -1.16
O11 5K8 F . -14.79 11.92 -2.54
C12 5K8 F . -13.32 11.16 -0.75
C13 5K8 F . -13.12 10.84 0.62
C14 5K8 F . -12.66 10.59 3.68
C15 5K8 F . -11.51 11.51 3.28
C16 5K8 F . -11.15 12.50 4.37
C17 5K8 F . -10.92 11.81 5.72
C18 5K8 F . -12.10 10.95 6.13
C19 5K8 F . -11.69 10.12 7.41
C20 5K8 F . -12.75 9.04 7.71
O21 5K8 F . -14.03 9.42 8.01
C22 5K8 F . -14.84 8.31 8.45
O23 5K8 F . -12.52 7.92 7.46
C24 5K8 F . -11.43 10.98 8.66
O25 5K8 F . -11.19 10.33 9.90
C26 5K8 F . -12.13 10.68 10.92
O27 5K8 F . -11.80 12.16 8.69
C28 5K8 F . -12.48 9.95 5.05
C29 5K8 F . -15.67 8.74 3.20
C30 5K8 F . -16.80 8.06 3.79
#